data_4YJN
#
_entry.id   4YJN
#
_cell.length_a   48.300
_cell.length_b   72.640
_cell.length_c   65.710
_cell.angle_alpha   90.000
_cell.angle_beta   99.720
_cell.angle_gamma   90.000
#
_symmetry.space_group_name_H-M   'P 1 21 1'
#
loop_
_entity.id
_entity.type
_entity.pdbx_description
1 polymer 'Calmodulin-domain protein kinase 1'
2 non-polymer 5-amino-1-tert-butyl-3-[2-(cyclobutyloxy)quinolin-6-yl]-1H-pyrazole-4-carboxamide
3 water water
#
_entity_poly.entity_id   1
_entity_poly.type   'polypeptide(L)'
_entity_poly.pdbx_seq_one_letter_code
;GPGSMMDHLHATPGMFVQHSTAIFSDRYKGQRVLGKGSFGEVILCKDKITGQECAVKVISKRQVKQKTDKESLLREVQLL
KQLDHPNIMKLYEFFEDKGYFYLVGEVYTGGELFDEIISRKRFSEVDAARIIRQVLSGITYMHKNKIVHRDLKPENLLLE
SKSKDANIRIIDFGLSTHFEASKKMKDKIGTAYYIAPEVLHGTYDEKCDVWSTGVILYILLSGCPPFNGANEYDILKKVE
KGKYTFELPQWKKVSESAKDLIRKMLTYVPSMRISARDALDHEWIQTYTKEQISVDVPSLDNAILNIRQFQGTQKLAQAA
LLYMGSKLTSQDETKELTAIFHKMDKNGDGQLDRAELIEGYKELMRMKGQDASMLDASAVEHEVDQVLDAVDFDKNGYIE
YSEFVTVAMDRKTLLSRERLERAFRMFDSDNSGKISSTELATIFGVSDVDSETWKSVLSEVDKNNDGEVDFDEFQQMLLK
LCGN
;
_entity_poly.pdbx_strand_id   A
#
loop_
_chem_comp.id
_chem_comp.type
_chem_comp.name
_chem_comp.formula
UW4 non-polymer 5-amino-1-tert-butyl-3-[2-(cyclobutyloxy)quinolin-6-yl]-1H-pyrazole-4-carboxamide 'C21 H25 N5 O2'
#
# COMPACT_ATOMS: atom_id res chain seq x y z
N SER A 20 -18.54 -31.19 1.07
CA SER A 20 -18.93 -29.77 0.91
C SER A 20 -17.75 -28.88 1.34
N THR A 21 -16.75 -28.74 0.47
CA THR A 21 -15.74 -27.68 0.63
C THR A 21 -16.49 -26.36 0.83
N ALA A 22 -15.92 -25.44 1.62
CA ALA A 22 -16.44 -24.08 1.82
C ALA A 22 -15.97 -23.15 0.69
N ILE A 23 -16.92 -22.33 0.27
CA ILE A 23 -16.69 -21.29 -0.74
C ILE A 23 -16.87 -19.92 -0.15
N PHE A 24 -15.93 -19.05 -0.45
CA PHE A 24 -15.85 -17.75 0.15
C PHE A 24 -17.12 -16.91 -0.01
N SER A 25 -17.68 -16.88 -1.22
CA SER A 25 -18.83 -16.01 -1.50
C SER A 25 -20.19 -16.58 -1.09
N ASP A 26 -20.23 -17.86 -0.71
CA ASP A 26 -21.36 -18.41 0.02
C ASP A 26 -21.45 -17.83 1.40
N ARG A 27 -20.32 -17.35 1.91
CA ARG A 27 -20.30 -16.85 3.26
C ARG A 27 -20.14 -15.34 3.36
N TYR A 28 -19.28 -14.75 2.56
CA TYR A 28 -19.07 -13.31 2.63
C TYR A 28 -19.59 -12.63 1.40
N LYS A 29 -20.14 -11.42 1.56
CA LYS A 29 -20.43 -10.52 0.44
C LYS A 29 -19.59 -9.25 0.60
N GLY A 30 -19.11 -8.73 -0.53
CA GLY A 30 -18.26 -7.55 -0.53
C GLY A 30 -19.10 -6.32 -0.40
N GLN A 31 -18.64 -5.40 0.44
CA GLN A 31 -19.32 -4.15 0.71
C GLN A 31 -18.69 -3.02 -0.05
N ARG A 32 -17.37 -2.91 0.08
CA ARG A 32 -16.60 -1.93 -0.63
C ARG A 32 -15.13 -2.23 -0.52
N VAL A 33 -14.31 -1.46 -1.25
CA VAL A 33 -12.88 -1.63 -1.23
C VAL A 33 -12.27 -0.76 -0.16
N LEU A 34 -11.34 -1.32 0.60
CA LEU A 34 -10.60 -0.56 1.61
C LEU A 34 -9.30 0.01 1.03
N GLY A 35 -8.80 -0.67 0.02
CA GLY A 35 -7.57 -0.27 -0.61
C GLY A 35 -6.78 -1.44 -1.13
N LYS A 36 -5.53 -1.18 -1.42
CA LYS A 36 -4.66 -2.10 -2.11
C LYS A 36 -3.43 -2.24 -1.23
N GLY A 37 -3.11 -3.48 -0.89
CA GLY A 37 -1.92 -3.74 -0.10
C GLY A 37 -0.94 -4.60 -0.88
N SER A 38 0.07 -5.02 -0.14
CA SER A 38 0.98 -5.99 -0.62
C SER A 38 0.19 -7.24 -0.96
N PHE A 39 0.47 -7.78 -2.14
CA PHE A 39 -0.01 -9.06 -2.63
C PHE A 39 -1.43 -9.04 -3.20
N GLY A 40 -2.22 -8.01 -2.88
CA GLY A 40 -3.57 -7.96 -3.36
C GLY A 40 -4.49 -6.86 -2.82
N GLU A 41 -5.76 -6.96 -3.26
CA GLU A 41 -6.75 -6.00 -2.87
C GLU A 41 -7.32 -6.34 -1.48
N VAL A 42 -7.60 -5.32 -0.70
CA VAL A 42 -8.34 -5.52 0.54
C VAL A 42 -9.78 -5.00 0.42
N ILE A 43 -10.73 -5.91 0.57
CA ILE A 43 -12.18 -5.64 0.50
C ILE A 43 -12.79 -5.72 1.91
N LEU A 44 -13.66 -4.76 2.26
CA LEU A 44 -14.44 -4.87 3.49
C LEU A 44 -15.59 -5.79 3.16
N CYS A 45 -15.71 -6.90 3.89
CA CYS A 45 -16.73 -7.88 3.63
C CYS A 45 -17.65 -8.08 4.81
N LYS A 46 -18.79 -8.69 4.53
CA LYS A 46 -19.73 -8.94 5.55
C LYS A 46 -20.22 -10.39 5.49
N ASP A 47 -20.22 -11.05 6.64
CA ASP A 47 -20.81 -12.38 6.75
C ASP A 47 -22.32 -12.33 6.42
N LYS A 48 -22.75 -13.19 5.51
CA LYS A 48 -24.17 -13.23 5.09
C LYS A 48 -25.15 -13.70 6.15
N ILE A 49 -24.69 -14.33 7.23
CA ILE A 49 -25.58 -14.77 8.30
C ILE A 49 -25.50 -13.92 9.57
N THR A 50 -24.28 -13.61 10.01
CA THR A 50 -24.05 -12.94 11.30
C THR A 50 -23.91 -11.42 11.19
N GLY A 51 -23.63 -10.92 9.99
CA GLY A 51 -23.44 -9.49 9.74
C GLY A 51 -22.10 -8.97 10.24
N GLN A 52 -21.18 -9.88 10.63
CA GLN A 52 -19.86 -9.47 11.09
CA GLN A 52 -19.84 -9.51 11.09
C GLN A 52 -19.02 -8.93 9.93
N GLU A 53 -18.45 -7.75 10.15
CA GLU A 53 -17.57 -7.11 9.19
C GLU A 53 -16.13 -7.66 9.25
N CYS A 54 -15.53 -7.83 8.07
CA CYS A 54 -14.16 -8.35 7.99
CA CYS A 54 -14.18 -8.43 7.92
C CYS A 54 -13.41 -7.81 6.77
N ALA A 55 -12.10 -7.64 6.93
CA ALA A 55 -11.23 -7.19 5.84
C ALA A 55 -10.64 -8.41 5.18
N VAL A 56 -10.90 -8.57 3.90
CA VAL A 56 -10.46 -9.76 3.20
C VAL A 56 -9.33 -9.42 2.23
N LYS A 57 -8.15 -9.97 2.46
CA LYS A 57 -7.08 -9.79 1.47
C LYS A 57 -7.25 -10.80 0.35
N VAL A 58 -7.39 -10.32 -0.87
CA VAL A 58 -7.59 -11.21 -2.05
C VAL A 58 -6.31 -11.28 -2.87
N ILE A 59 -5.69 -12.45 -2.90
CA ILE A 59 -4.41 -12.65 -3.63
C ILE A 59 -4.70 -13.44 -4.87
N SER A 60 -4.47 -12.84 -6.05
CA SER A 60 -4.68 -13.50 -7.31
C SER A 60 -3.55 -14.43 -7.64
N LYS A 61 -3.85 -15.72 -7.92
CA LYS A 61 -2.81 -16.69 -8.24
C LYS A 61 -2.12 -16.41 -9.58
N ARG A 62 -2.79 -15.65 -10.45
CA ARG A 62 -2.20 -15.29 -11.72
C ARG A 62 -1.20 -14.13 -11.65
N GLN A 63 -1.30 -13.30 -10.61
CA GLN A 63 -0.40 -12.14 -10.47
C GLN A 63 0.73 -12.32 -9.47
N VAL A 64 0.52 -13.24 -8.53
CA VAL A 64 1.44 -13.47 -7.45
C VAL A 64 1.83 -14.93 -7.45
N LYS A 65 3.13 -15.19 -7.64
CA LYS A 65 3.64 -16.52 -7.61
C LYS A 65 3.93 -16.98 -6.18
N GLN A 66 3.59 -18.24 -5.91
CA GLN A 66 3.92 -18.89 -4.63
C GLN A 66 5.38 -19.32 -4.62
N LYS A 67 6.01 -19.29 -3.44
CA LYS A 67 7.37 -19.77 -3.24
C LYS A 67 7.37 -21.19 -2.66
N THR A 68 6.26 -21.55 -1.99
CA THR A 68 6.16 -22.83 -1.33
C THR A 68 5.10 -23.77 -1.96
N ASP A 69 5.10 -25.02 -1.53
CA ASP A 69 4.05 -25.95 -1.88
C ASP A 69 2.77 -25.66 -1.10
N LYS A 70 1.65 -26.21 -1.57
CA LYS A 70 0.36 -26.07 -0.87
C LYS A 70 0.41 -26.53 0.60
N GLU A 71 0.92 -27.71 0.89
CA GLU A 71 1.13 -28.18 2.25
C GLU A 71 1.64 -27.09 3.19
N SER A 72 2.73 -26.46 2.79
CA SER A 72 3.47 -25.52 3.64
C SER A 72 2.62 -24.31 4.04
N LEU A 73 1.94 -23.77 3.06
CA LEU A 73 1.07 -22.60 3.26
C LEU A 73 -0.16 -22.86 4.16
N LEU A 74 -0.84 -23.99 3.96
CA LEU A 74 -1.93 -24.40 4.85
C LEU A 74 -1.45 -24.56 6.29
N ARG A 75 -0.27 -25.12 6.48
CA ARG A 75 0.28 -25.26 7.83
CA ARG A 75 0.26 -25.28 7.82
C ARG A 75 0.45 -23.91 8.47
N GLU A 76 1.00 -22.99 7.70
CA GLU A 76 1.17 -21.61 8.12
C GLU A 76 -0.18 -20.94 8.44
N VAL A 77 -1.16 -21.06 7.55
CA VAL A 77 -2.47 -20.49 7.83
C VAL A 77 -3.10 -21.01 9.12
N GLN A 78 -2.98 -22.31 9.37
CA GLN A 78 -3.53 -22.93 10.58
C GLN A 78 -2.87 -22.31 11.82
N LEU A 79 -1.55 -22.18 11.77
CA LEU A 79 -0.83 -21.58 12.88
C LEU A 79 -1.27 -20.13 13.09
N LEU A 80 -1.28 -19.33 12.04
CA LEU A 80 -1.64 -17.90 12.15
C LEU A 80 -3.06 -17.63 12.71
N LYS A 81 -3.99 -18.57 12.48
CA LYS A 81 -5.34 -18.47 13.00
C LYS A 81 -5.40 -18.70 14.52
N GLN A 82 -4.41 -19.41 15.06
CA GLN A 82 -4.33 -19.69 16.48
C GLN A 82 -3.55 -18.66 17.26
N LEU A 83 -2.82 -17.79 16.57
CA LEU A 83 -1.99 -16.80 17.24
C LEU A 83 -2.86 -15.59 17.60
N ASP A 84 -2.53 -14.97 18.73
CA ASP A 84 -3.33 -13.85 19.25
C ASP A 84 -2.44 -12.91 19.99
N HIS A 85 -2.41 -11.66 19.53
CA HIS A 85 -1.62 -10.65 20.15
C HIS A 85 -2.20 -9.28 19.82
N PRO A 86 -2.27 -8.38 20.82
CA PRO A 86 -2.93 -7.11 20.56
C PRO A 86 -2.28 -6.25 19.48
N ASN A 87 -1.02 -6.48 19.14
CA ASN A 87 -0.36 -5.70 18.08
C ASN A 87 -0.14 -6.40 16.74
N ILE A 88 -0.89 -7.46 16.50
CA ILE A 88 -0.79 -8.23 15.28
C ILE A 88 -2.22 -8.37 14.72
N MET A 89 -2.36 -8.15 13.43
CA MET A 89 -3.65 -8.38 12.80
C MET A 89 -4.15 -9.79 13.04
N LYS A 90 -5.42 -9.90 13.35
CA LYS A 90 -6.03 -11.15 13.67
C LYS A 90 -6.62 -11.80 12.44
N LEU A 91 -6.17 -13.00 12.11
CA LEU A 91 -6.71 -13.78 10.99
C LEU A 91 -7.83 -14.71 11.47
N TYR A 92 -8.95 -14.79 10.72
CA TYR A 92 -10.10 -15.62 11.10
C TYR A 92 -10.35 -16.84 10.19
N GLU A 93 -10.21 -16.66 8.88
CA GLU A 93 -10.56 -17.68 7.91
C GLU A 93 -9.67 -17.60 6.68
N PHE A 94 -9.67 -18.68 5.90
CA PHE A 94 -8.88 -18.82 4.73
C PHE A 94 -9.70 -19.63 3.73
N PHE A 95 -9.77 -19.09 2.53
CA PHE A 95 -10.42 -19.77 1.41
C PHE A 95 -9.47 -19.75 0.24
N GLU A 96 -9.61 -20.78 -0.59
CA GLU A 96 -8.87 -20.90 -1.81
C GLU A 96 -9.81 -21.41 -2.88
N ASP A 97 -9.74 -20.81 -4.05
CA ASP A 97 -10.39 -21.40 -5.19
C ASP A 97 -9.36 -21.37 -6.28
N LYS A 98 -9.80 -21.63 -7.51
CA LYS A 98 -8.89 -21.80 -8.63
C LYS A 98 -8.02 -20.61 -8.91
N GLY A 99 -8.55 -19.39 -8.78
CA GLY A 99 -7.82 -18.17 -9.17
C GLY A 99 -7.32 -17.30 -8.01
N TYR A 100 -7.75 -17.61 -6.78
CA TYR A 100 -7.53 -16.74 -5.64
C TYR A 100 -7.36 -17.43 -4.29
N PHE A 101 -6.59 -16.78 -3.42
CA PHE A 101 -6.64 -17.06 -1.99
C PHE A 101 -7.40 -15.95 -1.35
N TYR A 102 -8.18 -16.24 -0.32
CA TYR A 102 -8.92 -15.18 0.39
C TYR A 102 -8.55 -15.22 1.88
N LEU A 103 -7.90 -14.17 2.34
CA LEU A 103 -7.46 -14.11 3.74
C LEU A 103 -8.40 -13.18 4.52
N VAL A 104 -9.21 -13.77 5.38
CA VAL A 104 -10.25 -13.03 6.09
C VAL A 104 -9.75 -12.60 7.46
N GLY A 105 -9.68 -11.30 7.67
CA GLY A 105 -9.17 -10.79 8.93
C GLY A 105 -10.01 -9.69 9.53
N GLU A 106 -9.52 -9.25 10.67
CA GLU A 106 -10.19 -8.27 11.46
C GLU A 106 -10.06 -6.98 10.70
N VAL A 107 -11.12 -6.17 10.64
CA VAL A 107 -11.08 -4.80 10.06
C VAL A 107 -10.52 -3.74 11.02
N TYR A 108 -9.60 -2.92 10.54
CA TYR A 108 -9.02 -1.81 11.30
C TYR A 108 -9.22 -0.50 10.57
N THR A 109 -9.70 0.52 11.25
CA THR A 109 -10.24 1.73 10.61
C THR A 109 -9.42 2.99 10.86
N GLY A 110 -8.21 2.85 11.44
CA GLY A 110 -7.42 3.99 11.89
C GLY A 110 -6.40 4.45 10.86
N GLY A 111 -6.18 3.62 9.84
CA GLY A 111 -5.33 4.01 8.74
C GLY A 111 -3.87 3.78 9.06
N GLU A 112 -2.98 4.20 8.18
CA GLU A 112 -1.58 4.02 8.42
C GLU A 112 -1.09 4.92 9.58
N LEU A 113 -0.12 4.41 10.32
CA LEU A 113 0.47 5.14 11.40
C LEU A 113 0.89 6.54 10.98
N PHE A 114 1.78 6.61 9.98
CA PHE A 114 2.36 7.87 9.55
C PHE A 114 1.33 8.91 9.11
N ASP A 115 0.25 8.48 8.45
CA ASP A 115 -0.85 9.38 8.13
C ASP A 115 -1.44 10.03 9.40
N GLU A 116 -1.56 9.28 10.48
CA GLU A 116 -2.01 9.90 11.74
C GLU A 116 -0.95 10.81 12.33
N ILE A 117 0.30 10.37 12.32
CA ILE A 117 1.37 11.14 12.92
C ILE A 117 1.55 12.51 12.29
N ILE A 118 1.41 12.61 10.98
CA ILE A 118 1.56 13.93 10.33
C ILE A 118 0.43 14.88 10.73
N SER A 119 -0.69 14.37 11.22
CA SER A 119 -1.84 15.22 11.61
C SER A 119 -1.74 15.73 13.09
N ARG A 120 -0.78 15.25 13.85
CA ARG A 120 -0.63 15.70 15.20
C ARG A 120 -0.01 17.06 15.26
N LYS A 121 -0.25 17.73 16.38
CA LYS A 121 0.32 19.06 16.64
C LYS A 121 1.60 18.94 17.48
N ARG A 122 1.69 17.78 18.15
CA ARG A 122 2.80 17.54 19.06
C ARG A 122 3.29 16.10 18.93
N PHE A 123 4.60 15.91 18.90
CA PHE A 123 5.16 14.56 18.89
C PHE A 123 6.51 14.54 19.63
N SER A 124 6.67 13.59 20.57
CA SER A 124 7.87 13.51 21.37
C SER A 124 8.45 12.07 21.45
N GLU A 125 9.59 11.95 22.13
CA GLU A 125 10.26 10.68 22.38
C GLU A 125 9.44 9.69 23.20
N VAL A 126 8.43 10.21 23.90
CA VAL A 126 7.51 9.38 24.66
C VAL A 126 6.51 8.73 23.73
N ASP A 127 6.13 9.46 22.66
CA ASP A 127 5.16 8.95 21.71
C ASP A 127 5.82 7.97 20.78
N ALA A 128 6.98 8.34 20.23
CA ALA A 128 7.84 7.42 19.55
C ALA A 128 8.05 6.13 20.31
N ALA A 129 8.43 6.23 21.56
CA ALA A 129 8.71 5.03 22.37
C ALA A 129 7.47 4.16 22.58
N ARG A 130 6.27 4.77 22.61
CA ARG A 130 5.05 3.99 22.84
C ARG A 130 4.70 3.21 21.57
N ILE A 131 4.92 3.88 20.45
CA ILE A 131 4.76 3.25 19.16
C ILE A 131 5.70 2.05 18.99
N ILE A 132 6.97 2.28 19.19
CA ILE A 132 8.00 1.30 18.94
C ILE A 132 7.90 0.12 19.89
N ARG A 133 7.32 0.28 21.12
CA ARG A 133 7.31 -0.87 21.96
C ARG A 133 6.02 -1.67 21.70
N GLN A 134 5.12 -1.17 20.89
CA GLN A 134 3.97 -1.90 20.48
C GLN A 134 4.49 -2.75 19.36
N VAL A 135 5.30 -2.16 18.53
CA VAL A 135 5.85 -2.88 17.39
C VAL A 135 6.69 -4.06 17.86
N LEU A 136 7.59 -3.76 18.82
CA LEU A 136 8.56 -4.74 19.28
C LEU A 136 7.84 -5.89 19.95
N SER A 137 6.70 -5.53 20.54
CA SER A 137 5.99 -6.52 21.32
C SER A 137 5.25 -7.52 20.41
N GLY A 138 4.68 -7.04 19.30
CA GLY A 138 4.12 -7.93 18.29
C GLY A 138 5.19 -8.78 17.63
N ILE A 139 6.35 -8.20 17.35
CA ILE A 139 7.43 -8.90 16.70
C ILE A 139 8.00 -10.03 17.57
N THR A 140 8.42 -9.69 18.80
CA THR A 140 8.81 -10.67 19.77
C THR A 140 7.85 -11.87 19.81
N TYR A 141 6.57 -11.55 19.84
CA TYR A 141 5.59 -12.59 19.94
C TYR A 141 5.68 -13.49 18.71
N MET A 142 5.69 -12.88 17.52
CA MET A 142 5.75 -13.65 16.28
C MET A 142 7.04 -14.45 16.12
N HIS A 143 8.15 -13.92 16.60
CA HIS A 143 9.40 -14.63 16.47
C HIS A 143 9.40 -15.85 17.34
N LYS A 144 8.75 -15.74 18.50
CA LYS A 144 8.60 -16.88 19.41
C LYS A 144 7.90 -18.03 18.77
N ASN A 145 6.95 -17.72 17.89
CA ASN A 145 6.26 -18.71 17.08
C ASN A 145 6.92 -18.95 15.68
N LYS A 146 8.15 -18.44 15.51
CA LYS A 146 8.98 -18.68 14.33
C LYS A 146 8.40 -18.13 13.03
N ILE A 147 7.82 -16.93 13.11
CA ILE A 147 7.29 -16.25 11.97
C ILE A 147 8.04 -14.93 11.82
N VAL A 148 8.52 -14.69 10.61
CA VAL A 148 9.39 -13.56 10.31
C VAL A 148 8.60 -12.68 9.36
N HIS A 149 8.63 -11.38 9.57
CA HIS A 149 7.92 -10.52 8.64
C HIS A 149 8.70 -10.34 7.34
N ARG A 150 9.90 -9.85 7.49
CA ARG A 150 10.82 -9.55 6.38
C ARG A 150 10.57 -8.23 5.65
N ASP A 151 9.30 -7.86 5.42
CA ASP A 151 8.96 -6.63 4.70
C ASP A 151 8.32 -5.60 5.57
N LEU A 152 8.85 -5.43 6.77
CA LEU A 152 8.27 -4.53 7.76
C LEU A 152 8.63 -3.09 7.39
N LYS A 153 7.59 -2.25 7.40
CA LYS A 153 7.70 -0.83 7.07
C LYS A 153 6.49 -0.07 7.59
N PRO A 154 6.47 1.26 7.51
CA PRO A 154 5.36 2.08 8.04
C PRO A 154 3.96 1.76 7.49
N GLU A 155 3.85 1.41 6.21
CA GLU A 155 2.60 0.95 5.56
C GLU A 155 1.99 -0.28 6.21
N ASN A 156 2.83 -1.07 6.87
CA ASN A 156 2.36 -2.27 7.55
C ASN A 156 1.99 -2.02 9.01
N LEU A 157 1.92 -0.77 9.42
CA LEU A 157 1.49 -0.44 10.76
C LEU A 157 0.21 0.36 10.64
N LEU A 158 -0.89 -0.29 10.98
CA LEU A 158 -2.20 0.35 11.00
C LEU A 158 -2.59 0.59 12.45
N LEU A 159 -3.37 1.64 12.67
CA LEU A 159 -3.97 1.89 13.97
C LEU A 159 -5.35 1.21 14.05
N GLU A 160 -5.67 0.64 15.21
CA GLU A 160 -6.89 -0.15 15.36
C GLU A 160 -8.12 0.66 15.03
N SER A 161 -8.17 1.92 15.48
CA SER A 161 -9.32 2.77 15.23
C SER A 161 -8.88 4.21 15.04
N LYS A 162 -9.84 5.08 14.73
CA LYS A 162 -9.55 6.51 14.62
C LYS A 162 -9.37 7.21 15.97
N SER A 163 -9.43 6.44 17.07
CA SER A 163 -9.13 6.99 18.42
C SER A 163 -7.68 7.48 18.49
N LYS A 164 -7.47 8.49 19.34
CA LYS A 164 -6.13 9.02 19.65
C LYS A 164 -5.24 7.98 20.35
N ASP A 165 -5.84 7.18 21.24
CA ASP A 165 -5.13 6.19 22.05
C ASP A 165 -4.99 4.79 21.38
N ALA A 166 -5.22 4.74 20.08
CA ALA A 166 -5.43 3.47 19.39
C ALA A 166 -4.17 2.61 19.33
N ASN A 167 -4.37 1.30 19.52
CA ASN A 167 -3.27 0.37 19.33
C ASN A 167 -2.85 0.24 17.88
N ILE A 168 -1.61 -0.20 17.71
CA ILE A 168 -1.02 -0.47 16.40
C ILE A 168 -1.14 -1.93 16.11
N ARG A 169 -1.55 -2.25 14.90
CA ARG A 169 -1.68 -3.63 14.43
C ARG A 169 -0.76 -3.82 13.26
N ILE A 170 0.09 -4.82 13.32
CA ILE A 170 1.03 -5.11 12.24
C ILE A 170 0.34 -6.06 11.29
N ILE A 171 0.28 -5.66 10.03
CA ILE A 171 -0.28 -6.48 8.97
C ILE A 171 0.79 -7.20 8.17
N ASP A 172 0.39 -8.30 7.55
CA ASP A 172 1.23 -9.06 6.58
C ASP A 172 2.34 -9.91 7.18
N PHE A 173 2.26 -10.18 8.47
CA PHE A 173 3.20 -11.07 9.10
C PHE A 173 2.90 -12.40 8.42
N GLY A 174 3.88 -12.96 7.72
CA GLY A 174 3.72 -14.32 7.21
C GLY A 174 3.66 -14.46 5.69
N LEU A 175 3.33 -13.41 4.98
CA LEU A 175 3.16 -13.49 3.57
C LEU A 175 4.44 -13.60 2.79
N SER A 176 5.52 -12.99 3.25
CA SER A 176 6.76 -13.01 2.48
C SER A 176 7.35 -14.40 2.33
N THR A 177 7.12 -15.26 3.31
CA THR A 177 7.58 -16.64 3.28
C THR A 177 6.88 -17.46 2.19
N HIS A 178 5.67 -17.08 1.82
CA HIS A 178 4.87 -17.89 0.87
C HIS A 178 4.62 -17.26 -0.48
N PHE A 179 4.85 -15.96 -0.60
CA PHE A 179 4.50 -15.30 -1.86
C PHE A 179 5.63 -14.46 -2.37
N GLU A 180 5.88 -14.58 -3.66
CA GLU A 180 6.87 -13.75 -4.31
C GLU A 180 6.36 -12.32 -4.45
N ALA A 181 7.07 -11.39 -3.81
CA ALA A 181 6.80 -9.94 -3.92
C ALA A 181 6.81 -9.44 -5.38
N SER A 182 6.02 -8.40 -5.62
CA SER A 182 5.92 -7.76 -6.93
C SER A 182 7.19 -6.97 -7.25
N LYS A 183 7.60 -7.06 -8.51
CA LYS A 183 8.71 -6.26 -8.96
C LYS A 183 8.21 -4.95 -9.56
N LYS A 184 6.93 -4.85 -9.94
CA LYS A 184 6.33 -3.60 -10.34
C LYS A 184 6.60 -2.51 -9.30
N MET A 185 7.05 -1.36 -9.78
CA MET A 185 7.50 -0.25 -8.91
C MET A 185 6.33 0.35 -8.12
N LYS A 186 5.15 0.31 -8.73
CA LYS A 186 3.90 0.74 -8.04
C LYS A 186 3.66 -0.04 -6.74
N ASP A 187 4.26 -1.21 -6.64
CA ASP A 187 4.10 -2.07 -5.46
C ASP A 187 5.34 -2.01 -4.56
N LYS A 188 6.51 -1.79 -5.17
CA LYS A 188 7.75 -1.79 -4.33
C LYS A 188 8.21 -0.41 -3.79
N ILE A 189 7.42 0.60 -4.04
CA ILE A 189 7.78 1.98 -3.75
C ILE A 189 7.88 2.16 -2.24
N GLY A 190 9.05 2.61 -1.81
CA GLY A 190 9.33 2.82 -0.42
C GLY A 190 9.79 1.63 0.35
N THR A 191 10.15 0.51 -0.28
CA THR A 191 10.59 -0.69 0.48
C THR A 191 12.07 -0.68 0.79
N ALA A 192 12.84 -0.09 -0.13
CA ALA A 192 14.28 0.02 -0.01
C ALA A 192 14.77 0.65 1.27
N TYR A 193 14.06 1.64 1.80
CA TYR A 193 14.53 2.27 3.02
C TYR A 193 14.64 1.28 4.17
N TYR A 194 13.78 0.24 4.18
CA TYR A 194 13.54 -0.56 5.41
C TYR A 194 14.16 -1.95 5.44
N ILE A 195 14.56 -2.42 4.28
CA ILE A 195 14.98 -3.81 4.12
C ILE A 195 16.36 -4.01 4.77
N ALA A 196 16.54 -5.13 5.45
CA ALA A 196 17.82 -5.41 6.11
C ALA A 196 18.86 -5.90 5.11
N PRO A 197 20.09 -5.43 5.23
CA PRO A 197 21.13 -5.84 4.30
C PRO A 197 21.21 -7.34 4.03
N GLU A 198 21.12 -8.18 5.05
CA GLU A 198 21.18 -9.64 4.87
C GLU A 198 20.06 -10.25 4.00
N VAL A 199 18.92 -9.56 3.96
CA VAL A 199 17.81 -9.96 3.09
C VAL A 199 18.15 -9.76 1.62
N LEU A 200 18.98 -8.77 1.32
CA LEU A 200 19.43 -8.54 -0.05
C LEU A 200 20.33 -9.67 -0.56
N HIS A 201 21.22 -10.11 0.32
CA HIS A 201 22.21 -11.13 0.02
C HIS A 201 21.64 -12.54 0.16
N GLY A 202 20.49 -12.70 0.78
CA GLY A 202 19.74 -13.97 0.75
C GLY A 202 19.78 -14.88 1.96
N THR A 203 20.75 -14.69 2.87
CA THR A 203 20.84 -15.48 4.10
C THR A 203 20.35 -14.59 5.23
N TYR A 204 19.14 -14.83 5.69
CA TYR A 204 18.52 -13.97 6.71
C TYR A 204 17.69 -14.77 7.68
N ASP A 205 17.46 -14.18 8.86
CA ASP A 205 16.63 -14.76 9.93
C ASP A 205 15.79 -13.66 10.51
N GLU A 206 15.19 -13.91 11.68
CA GLU A 206 14.25 -12.97 12.30
C GLU A 206 14.84 -11.61 12.66
N LYS A 207 16.14 -11.50 12.89
CA LYS A 207 16.76 -10.21 13.15
C LYS A 207 16.51 -9.12 12.05
N CYS A 208 16.06 -9.50 10.85
CA CYS A 208 15.87 -8.53 9.81
C CYS A 208 14.71 -7.63 10.21
N ASP A 209 13.78 -8.17 10.99
CA ASP A 209 12.67 -7.42 11.53
C ASP A 209 13.09 -6.39 12.57
N VAL A 210 14.23 -6.63 13.23
CA VAL A 210 14.68 -5.68 14.21
C VAL A 210 15.32 -4.52 13.47
N TRP A 211 16.04 -4.81 12.39
CA TRP A 211 16.66 -3.79 11.58
C TRP A 211 15.59 -2.83 11.08
N SER A 212 14.56 -3.37 10.45
CA SER A 212 13.50 -2.57 9.89
C SER A 212 12.88 -1.63 10.93
N THR A 213 12.71 -2.14 12.15
CA THR A 213 12.09 -1.41 13.24
C THR A 213 13.04 -0.31 13.68
N GLY A 214 14.31 -0.64 13.73
CA GLY A 214 15.38 0.34 13.96
C GLY A 214 15.38 1.49 12.97
N VAL A 215 15.03 1.20 11.72
CA VAL A 215 14.95 2.23 10.68
C VAL A 215 13.72 3.11 10.93
N ILE A 216 12.59 2.46 11.20
CA ILE A 216 11.38 3.17 11.48
C ILE A 216 11.53 4.13 12.69
N LEU A 217 12.19 3.66 13.75
CA LEU A 217 12.53 4.52 14.89
C LEU A 217 13.42 5.70 14.50
N TYR A 218 14.43 5.46 13.64
CA TYR A 218 15.29 6.55 13.18
C TYR A 218 14.45 7.64 12.50
N ILE A 219 13.47 7.21 11.71
CA ILE A 219 12.65 8.14 10.96
C ILE A 219 11.69 8.84 11.89
N LEU A 220 11.14 8.10 12.86
CA LEU A 220 10.23 8.73 13.85
C LEU A 220 10.90 9.81 14.69
N LEU A 221 12.20 9.69 14.91
CA LEU A 221 12.89 10.66 15.76
C LEU A 221 13.59 11.78 15.01
N SER A 222 13.82 11.62 13.70
CA SER A 222 14.47 12.65 12.90
C SER A 222 13.68 13.13 11.70
N GLY A 223 12.75 12.30 11.22
CA GLY A 223 12.03 12.56 9.99
C GLY A 223 12.68 12.21 8.67
N CYS A 224 13.90 11.69 8.71
CA CYS A 224 14.63 11.27 7.50
C CYS A 224 15.01 9.81 7.61
N PRO A 225 15.09 9.10 6.46
CA PRO A 225 15.55 7.73 6.52
C PRO A 225 17.06 7.73 6.73
N PRO A 226 17.56 6.75 7.47
CA PRO A 226 18.97 6.68 7.70
C PRO A 226 19.79 6.36 6.43
N PHE A 227 19.24 5.55 5.52
CA PHE A 227 19.81 5.29 4.24
C PHE A 227 18.87 5.93 3.20
N ASN A 228 19.39 6.91 2.45
CA ASN A 228 18.56 7.65 1.51
C ASN A 228 19.29 7.73 0.17
N GLY A 229 18.59 8.23 -0.84
CA GLY A 229 19.15 8.31 -2.17
C GLY A 229 18.13 8.71 -3.22
N ALA A 230 18.62 9.15 -4.38
CA ALA A 230 17.76 9.75 -5.39
C ALA A 230 16.87 8.75 -6.13
N ASN A 231 17.03 7.44 -5.86
CA ASN A 231 16.28 6.40 -6.56
C ASN A 231 16.46 5.08 -5.80
N GLU A 232 15.70 4.07 -6.17
CA GLU A 232 15.73 2.81 -5.48
C GLU A 232 17.16 2.21 -5.29
N TYR A 233 17.91 2.09 -6.36
CA TYR A 233 19.19 1.36 -6.31
C TYR A 233 20.25 2.14 -5.55
N ASP A 234 20.20 3.47 -5.66
CA ASP A 234 20.99 4.33 -4.77
C ASP A 234 20.69 4.02 -3.31
N ILE A 235 19.42 3.81 -2.97
CA ILE A 235 19.03 3.54 -1.57
C ILE A 235 19.57 2.17 -1.13
N LEU A 236 19.39 1.16 -1.97
CA LEU A 236 19.92 -0.16 -1.68
C LEU A 236 21.45 -0.21 -1.50
N LYS A 237 22.19 0.68 -2.18
CA LYS A 237 23.64 0.73 -2.07
C LYS A 237 24.11 1.22 -0.67
N LYS A 238 23.47 2.29 -0.19
CA LYS A 238 23.59 2.72 1.19
C LYS A 238 23.30 1.63 2.22
N VAL A 239 22.18 0.97 2.06
CA VAL A 239 21.76 -0.07 2.99
C VAL A 239 22.81 -1.14 3.01
N GLU A 240 23.29 -1.52 1.82
CA GLU A 240 24.20 -2.65 1.73
C GLU A 240 25.56 -2.30 2.38
N LYS A 241 25.95 -1.03 2.33
CA LYS A 241 27.10 -0.55 3.07
C LYS A 241 26.81 -0.42 4.57
N GLY A 242 25.58 -0.11 4.94
CA GLY A 242 25.17 -0.12 6.33
C GLY A 242 25.58 1.09 7.15
N LYS A 243 26.13 2.12 6.50
CA LYS A 243 26.57 3.36 7.15
C LYS A 243 25.52 4.47 7.30
N TYR A 244 25.31 4.93 8.51
CA TYR A 244 24.35 5.98 8.78
C TYR A 244 24.94 6.84 9.85
N THR A 245 24.45 8.06 10.06
CA THR A 245 25.02 8.91 11.08
C THR A 245 23.94 9.63 11.81
N PHE A 246 24.28 10.13 13.00
CA PHE A 246 23.41 11.03 13.76
C PHE A 246 23.89 12.46 13.62
N GLU A 247 24.40 12.82 12.46
CA GLU A 247 24.99 14.12 12.24
C GLU A 247 24.00 15.07 11.55
N LEU A 248 22.72 15.02 11.88
CA LEU A 248 21.77 16.07 11.53
C LEU A 248 21.35 16.92 12.76
N PRO A 249 21.00 18.21 12.56
CA PRO A 249 20.72 19.11 13.67
C PRO A 249 19.68 18.57 14.64
N GLN A 250 18.65 17.91 14.12
CA GLN A 250 17.57 17.45 14.97
C GLN A 250 17.92 16.28 15.88
N TRP A 251 19.08 15.65 15.69
CA TRP A 251 19.51 14.63 16.62
C TRP A 251 20.05 15.23 17.92
N LYS A 252 20.32 16.53 17.91
CA LYS A 252 20.70 17.26 19.12
C LYS A 252 19.57 17.21 20.18
N LYS A 253 18.31 17.16 19.71
CA LYS A 253 17.12 17.12 20.60
C LYS A 253 16.76 15.75 21.22
N VAL A 254 17.59 14.72 20.99
CA VAL A 254 17.24 13.32 21.26
C VAL A 254 18.22 12.61 22.23
N SER A 255 17.68 11.83 23.14
CA SER A 255 18.47 11.24 24.20
C SER A 255 19.53 10.23 23.70
N GLU A 256 20.66 10.18 24.40
CA GLU A 256 21.69 9.21 24.06
C GLU A 256 21.10 7.82 24.05
N SER A 257 20.16 7.61 24.97
CA SER A 257 19.52 6.35 25.17
C SER A 257 18.84 5.82 23.92
N ALA A 258 18.04 6.66 23.27
CA ALA A 258 17.42 6.31 22.02
C ALA A 258 18.46 6.06 20.92
N LYS A 259 19.56 6.81 20.92
CA LYS A 259 20.54 6.63 19.86
C LYS A 259 21.26 5.30 20.06
N ASP A 260 21.31 4.86 21.31
CA ASP A 260 22.00 3.67 21.65
C ASP A 260 21.16 2.47 21.20
N LEU A 261 19.85 2.59 21.31
CA LEU A 261 18.98 1.52 20.90
C LEU A 261 19.05 1.38 19.37
N ILE A 262 18.85 2.51 18.69
CA ILE A 262 19.05 2.55 17.26
C ILE A 262 20.35 1.88 16.89
N ARG A 263 21.48 2.24 17.49
CA ARG A 263 22.73 1.61 17.10
C ARG A 263 22.68 0.10 17.20
N LYS A 264 22.06 -0.40 18.26
CA LYS A 264 21.97 -1.83 18.47
C LYS A 264 21.01 -2.52 17.50
N MET A 265 20.02 -1.79 17.02
CA MET A 265 19.10 -2.38 16.09
C MET A 265 19.64 -2.32 14.68
N LEU A 266 20.46 -1.32 14.38
CA LEU A 266 21.00 -1.17 13.05
C LEU A 266 22.39 -1.76 12.99
N THR A 267 22.64 -2.80 13.75
CA THR A 267 23.94 -3.45 13.74
C THR A 267 23.99 -4.38 12.52
N TYR A 268 25.09 -4.31 11.75
CA TYR A 268 25.17 -4.96 10.45
C TYR A 268 25.02 -6.44 10.57
N VAL A 269 25.92 -7.09 11.31
CA VAL A 269 25.94 -8.51 11.40
C VAL A 269 24.80 -8.92 12.31
N PRO A 270 23.90 -9.79 11.81
CA PRO A 270 22.67 -10.10 12.53
C PRO A 270 22.89 -10.77 13.85
N SER A 271 23.91 -11.61 13.89
CA SER A 271 24.22 -12.34 15.12
C SER A 271 24.55 -11.36 16.24
N MET A 272 25.03 -10.16 15.92
CA MET A 272 25.42 -9.17 16.90
C MET A 272 24.27 -8.18 17.15
N ARG A 273 23.23 -8.24 16.34
CA ARG A 273 22.17 -7.26 16.43
C ARG A 273 21.26 -7.68 17.54
N ILE A 274 20.72 -6.71 18.28
CA ILE A 274 19.88 -6.96 19.44
C ILE A 274 18.61 -7.70 18.99
N SER A 275 18.11 -8.62 19.80
CA SER A 275 16.83 -9.29 19.57
C SER A 275 15.61 -8.36 19.87
N ALA A 276 14.46 -8.67 19.26
CA ALA A 276 13.31 -7.88 19.53
C ALA A 276 13.04 -7.85 21.02
N ARG A 277 13.31 -8.95 21.71
CA ARG A 277 12.88 -9.12 23.11
C ARG A 277 13.80 -8.34 24.02
N ASP A 278 15.09 -8.36 23.71
CA ASP A 278 16.06 -7.57 24.45
C ASP A 278 15.92 -6.08 24.15
N ALA A 279 15.39 -5.74 22.97
CA ALA A 279 15.10 -4.35 22.65
C ALA A 279 13.99 -3.83 23.52
N LEU A 280 12.99 -4.68 23.76
CA LEU A 280 11.91 -4.34 24.69
C LEU A 280 12.37 -3.97 26.11
N ASP A 281 13.48 -4.56 26.56
CA ASP A 281 14.05 -4.31 27.89
C ASP A 281 15.13 -3.23 27.87
N HIS A 282 15.27 -2.51 26.76
CA HIS A 282 16.30 -1.53 26.66
C HIS A 282 15.92 -0.29 27.48
N GLU A 283 16.92 0.34 28.06
CA GLU A 283 16.76 1.54 28.88
C GLU A 283 15.79 2.58 28.31
N TRP A 284 15.95 2.91 27.03
CA TRP A 284 15.11 3.91 26.35
C TRP A 284 13.62 3.59 26.41
N ILE A 285 13.31 2.32 26.20
CA ILE A 285 11.94 1.85 26.23
C ILE A 285 11.46 1.92 27.68
N GLN A 286 12.33 1.52 28.61
CA GLN A 286 11.95 1.52 30.02
C GLN A 286 11.64 2.93 30.53
N THR A 287 12.59 3.84 30.36
CA THR A 287 12.46 5.25 30.68
C THR A 287 11.22 5.99 30.07
N TYR A 288 11.10 5.93 28.75
CA TYR A 288 10.18 6.82 28.01
C TYR A 288 8.81 6.23 27.78
N THR A 289 8.58 5.00 28.24
CA THR A 289 7.22 4.44 28.20
C THR A 289 6.61 4.31 29.63
N LYS A 290 7.05 5.20 30.50
CA LYS A 290 6.56 5.25 31.87
C LYS A 290 5.82 6.57 31.92
N GLU A 291 4.96 6.69 32.91
CA GLU A 291 4.22 7.96 33.13
C GLU A 291 5.09 8.92 33.95
N VAL A 297 9.43 16.36 28.35
CA VAL A 297 10.20 16.11 27.16
C VAL A 297 9.81 17.08 26.01
N PRO A 298 10.81 17.50 25.23
CA PRO A 298 10.51 18.44 24.17
C PRO A 298 9.70 17.80 23.01
N SER A 299 8.83 18.62 22.42
CA SER A 299 8.20 18.25 21.16
C SER A 299 9.29 18.21 20.09
N LEU A 300 9.17 17.31 19.12
CA LEU A 300 10.11 17.21 18.01
C LEU A 300 9.48 17.75 16.74
N ASP A 301 9.49 19.06 16.59
CA ASP A 301 8.77 19.77 15.51
C ASP A 301 9.45 19.62 14.13
N ASN A 302 10.77 19.70 14.13
CA ASN A 302 11.53 19.48 12.91
C ASN A 302 11.26 18.08 12.39
N ALA A 303 11.44 17.05 13.25
CA ALA A 303 11.07 15.67 12.92
C ALA A 303 9.68 15.57 12.31
N ILE A 304 8.66 16.11 12.97
CA ILE A 304 7.31 16.02 12.43
C ILE A 304 7.19 16.76 11.10
N LEU A 305 7.96 17.83 10.93
CA LEU A 305 7.96 18.53 9.65
C LEU A 305 8.63 17.72 8.53
N ASN A 306 9.73 17.07 8.83
CA ASN A 306 10.41 16.21 7.84
C ASN A 306 9.58 14.99 7.48
N ILE A 307 8.88 14.45 8.46
CA ILE A 307 8.02 13.30 8.25
C ILE A 307 6.85 13.69 7.38
N ARG A 308 6.32 14.90 7.55
CA ARG A 308 5.19 15.36 6.75
C ARG A 308 5.64 15.50 5.30
N GLN A 309 6.87 15.92 5.08
CA GLN A 309 7.40 16.04 3.74
C GLN A 309 7.69 14.70 3.11
N PHE A 310 8.46 13.87 3.81
CA PHE A 310 8.74 12.49 3.42
C PHE A 310 7.47 11.72 3.06
N GLN A 311 6.47 11.82 3.90
CA GLN A 311 5.19 11.14 3.66
C GLN A 311 4.52 11.64 2.40
N GLY A 312 4.45 12.97 2.23
CA GLY A 312 3.79 13.55 1.06
C GLY A 312 4.46 13.13 -0.25
N THR A 313 5.77 13.25 -0.29
CA THR A 313 6.55 12.77 -1.42
C THR A 313 6.20 11.35 -1.81
N GLN A 314 6.08 10.45 -0.84
CA GLN A 314 5.87 9.01 -1.10
C GLN A 314 4.51 8.78 -1.67
N LYS A 315 3.51 9.39 -1.04
CA LYS A 315 2.13 9.24 -1.43
C LYS A 315 1.86 9.87 -2.77
N LEU A 316 2.55 10.95 -3.09
CA LEU A 316 2.43 11.50 -4.44
C LEU A 316 3.09 10.61 -5.52
N ALA A 317 4.26 10.04 -5.26
CA ALA A 317 4.87 9.14 -6.24
C ALA A 317 3.97 7.88 -6.40
N GLN A 318 3.50 7.38 -5.28
CA GLN A 318 2.61 6.25 -5.28
C GLN A 318 1.37 6.50 -6.14
N ALA A 319 0.70 7.61 -5.91
CA ALA A 319 -0.49 7.98 -6.67
C ALA A 319 -0.18 8.27 -8.13
N ALA A 320 1.01 8.77 -8.42
CA ALA A 320 1.41 8.98 -9.81
C ALA A 320 1.41 7.66 -10.58
N LEU A 321 2.11 6.67 -10.03
CA LEU A 321 2.21 5.34 -10.63
C LEU A 321 0.89 4.59 -10.75
N LEU A 322 0.00 4.79 -9.77
CA LEU A 322 -1.30 4.18 -9.81
C LEU A 322 -2.20 4.87 -10.79
N TYR A 323 -1.92 6.14 -11.07
CA TYR A 323 -2.65 6.82 -12.12
C TYR A 323 -2.21 6.32 -13.48
N MET A 324 -0.91 6.27 -13.72
CA MET A 324 -0.38 5.65 -14.94
C MET A 324 -0.92 4.24 -15.18
N GLY A 325 -0.96 3.42 -14.13
CA GLY A 325 -1.49 2.08 -14.17
C GLY A 325 -2.95 2.06 -14.51
N SER A 326 -3.73 2.90 -13.84
CA SER A 326 -5.16 3.01 -14.12
C SER A 326 -5.45 3.43 -15.55
N LYS A 327 -4.65 4.34 -16.08
CA LYS A 327 -4.86 4.75 -17.44
C LYS A 327 -4.58 3.57 -18.39
N LEU A 328 -3.48 2.86 -18.16
CA LEU A 328 -3.17 1.69 -18.99
C LEU A 328 -4.17 0.59 -18.85
N THR A 329 -4.62 0.30 -17.63
CA THR A 329 -5.71 -0.67 -17.41
C THR A 329 -6.90 -0.25 -18.22
N SER A 330 -7.29 1.03 -18.13
CA SER A 330 -8.44 1.53 -18.84
C SER A 330 -8.40 1.26 -20.33
N GLN A 331 -7.26 1.57 -20.97
CA GLN A 331 -7.16 1.35 -22.42
C GLN A 331 -7.30 -0.13 -22.75
N ASP A 332 -6.66 -0.97 -21.93
CA ASP A 332 -6.77 -2.40 -22.09
C ASP A 332 -8.24 -2.80 -22.06
N GLU A 333 -8.97 -2.35 -21.04
CA GLU A 333 -10.36 -2.80 -20.79
C GLU A 333 -11.41 -2.15 -21.67
N THR A 334 -11.21 -0.93 -22.13
CA THR A 334 -12.11 -0.29 -23.07
C THR A 334 -12.15 -1.00 -24.40
N LYS A 335 -10.98 -1.32 -24.92
CA LYS A 335 -10.90 -2.00 -26.20
C LYS A 335 -11.44 -3.41 -26.07
N GLU A 336 -11.20 -4.04 -24.92
CA GLU A 336 -11.67 -5.41 -24.70
C GLU A 336 -13.18 -5.49 -24.51
N LEU A 337 -13.74 -4.50 -23.84
CA LEU A 337 -15.15 -4.53 -23.56
C LEU A 337 -15.95 -4.23 -24.81
N THR A 338 -15.44 -3.27 -25.58
CA THR A 338 -15.98 -2.93 -26.90
C THR A 338 -16.00 -4.15 -27.83
N ALA A 339 -14.94 -4.96 -27.84
CA ALA A 339 -14.87 -6.14 -28.72
C ALA A 339 -15.81 -7.23 -28.25
N ILE A 340 -15.90 -7.46 -26.95
CA ILE A 340 -16.90 -8.38 -26.38
C ILE A 340 -18.33 -7.99 -26.81
N PHE A 341 -18.65 -6.70 -26.74
CA PHE A 341 -19.99 -6.23 -27.02
C PHE A 341 -20.26 -6.23 -28.50
N HIS A 342 -19.41 -5.66 -29.37
CA HIS A 342 -19.48 -5.85 -30.80
C HIS A 342 -19.83 -7.28 -31.19
N LYS A 343 -19.09 -8.23 -30.66
CA LYS A 343 -19.34 -9.71 -30.95
C LYS A 343 -20.78 -10.16 -30.51
N MET A 344 -21.12 -9.81 -29.27
CA MET A 344 -22.39 -10.12 -28.65
C MET A 344 -23.60 -9.50 -29.35
N ASP A 345 -23.39 -8.36 -29.99
CA ASP A 345 -24.40 -7.70 -30.81
C ASP A 345 -24.60 -8.45 -32.13
N LYS A 346 -25.40 -9.53 -32.12
CA LYS A 346 -25.70 -10.31 -33.32
C LYS A 346 -26.48 -9.53 -34.34
N ASN A 347 -27.19 -8.48 -33.89
CA ASN A 347 -27.97 -7.59 -34.76
C ASN A 347 -27.11 -6.75 -35.70
N GLY A 348 -25.96 -6.27 -35.22
CA GLY A 348 -25.20 -5.20 -35.89
C GLY A 348 -25.75 -3.78 -35.64
N ASP A 349 -26.54 -3.70 -34.58
CA ASP A 349 -27.33 -2.49 -34.25
C ASP A 349 -26.62 -1.56 -33.28
N GLY A 350 -25.71 -2.06 -32.44
CA GLY A 350 -25.10 -1.29 -31.37
C GLY A 350 -25.99 -1.17 -30.14
N GLN A 351 -26.95 -2.08 -29.97
CA GLN A 351 -27.95 -2.01 -28.91
C GLN A 351 -27.92 -3.33 -28.18
N LEU A 352 -27.50 -3.37 -26.91
CA LEU A 352 -27.66 -4.55 -26.03
C LEU A 352 -28.65 -4.33 -24.89
N ASP A 353 -29.24 -5.40 -24.31
CA ASP A 353 -30.07 -5.25 -23.08
C ASP A 353 -29.24 -5.41 -21.82
N ARG A 354 -29.85 -5.11 -20.68
CA ARG A 354 -29.24 -5.29 -19.35
C ARG A 354 -28.52 -6.65 -19.17
N ALA A 355 -29.22 -7.75 -19.49
CA ALA A 355 -28.69 -9.10 -19.29
C ALA A 355 -27.44 -9.41 -20.10
N GLU A 356 -27.27 -8.75 -21.24
CA GLU A 356 -26.09 -8.91 -22.10
C GLU A 356 -24.91 -8.07 -21.61
N LEU A 357 -25.12 -6.77 -21.44
CA LEU A 357 -24.13 -5.94 -20.76
C LEU A 357 -23.53 -6.69 -19.57
N ILE A 358 -24.41 -7.34 -18.79
CA ILE A 358 -23.94 -8.12 -17.64
C ILE A 358 -23.09 -9.33 -18.06
N GLU A 359 -23.59 -10.12 -19.01
CA GLU A 359 -22.87 -11.26 -19.54
C GLU A 359 -21.47 -10.83 -20.06
N GLY A 360 -21.43 -9.67 -20.70
CA GLY A 360 -20.19 -9.13 -21.26
C GLY A 360 -19.23 -8.63 -20.21
N TYR A 361 -19.75 -7.90 -19.23
CA TYR A 361 -18.94 -7.40 -18.14
C TYR A 361 -18.32 -8.57 -17.38
N LYS A 362 -19.14 -9.58 -17.11
CA LYS A 362 -18.69 -10.82 -16.49
C LYS A 362 -17.59 -11.49 -17.27
N GLU A 363 -17.72 -11.50 -18.59
CA GLU A 363 -16.71 -12.13 -19.46
C GLU A 363 -15.45 -11.27 -19.53
N LEU A 364 -15.58 -9.97 -19.35
CA LEU A 364 -14.39 -9.15 -19.09
C LEU A 364 -13.68 -9.70 -17.82
N MET A 365 -14.47 -9.97 -16.80
CA MET A 365 -13.95 -10.50 -15.53
C MET A 365 -13.34 -11.88 -15.64
N ARG A 366 -13.92 -12.77 -16.45
CA ARG A 366 -13.33 -14.09 -16.67
C ARG A 366 -11.90 -13.93 -17.26
N MET A 367 -11.82 -13.11 -18.27
CA MET A 367 -10.57 -12.90 -19.07
C MET A 367 -9.53 -12.14 -18.28
N LYS A 368 -9.90 -11.06 -17.57
CA LYS A 368 -8.91 -10.30 -16.81
C LYS A 368 -8.65 -11.04 -15.50
N GLY A 369 -9.57 -10.80 -14.56
CA GLY A 369 -9.41 -11.32 -13.18
C GLY A 369 -8.66 -10.25 -12.38
N GLN A 370 -9.28 -9.08 -12.30
CA GLN A 370 -8.64 -7.90 -11.69
C GLN A 370 -9.50 -7.21 -10.67
N ASP A 371 -10.81 -7.49 -10.62
CA ASP A 371 -11.72 -6.75 -9.68
C ASP A 371 -12.03 -7.58 -8.45
N ALA A 372 -11.41 -7.27 -7.31
CA ALA A 372 -11.77 -7.90 -6.05
C ALA A 372 -13.21 -7.49 -5.70
N SER A 373 -13.64 -6.35 -6.23
CA SER A 373 -14.96 -5.77 -5.88
C SER A 373 -16.14 -6.56 -6.49
N MET A 374 -15.79 -7.27 -7.58
CA MET A 374 -16.78 -8.10 -8.32
C MET A 374 -16.61 -9.57 -7.92
N LEU A 375 -16.69 -9.82 -6.62
CA LEU A 375 -16.40 -11.14 -6.05
C LEU A 375 -17.40 -12.25 -6.40
N ASP A 376 -18.57 -11.81 -6.84
CA ASP A 376 -19.64 -12.73 -7.28
C ASP A 376 -20.56 -12.10 -8.35
N ALA A 377 -21.41 -12.95 -8.93
CA ALA A 377 -22.35 -12.54 -10.00
C ALA A 377 -23.23 -11.35 -9.60
N SER A 378 -23.57 -11.26 -8.31
CA SER A 378 -24.47 -10.22 -7.80
C SER A 378 -23.80 -8.85 -7.65
N ALA A 379 -22.47 -8.88 -7.46
CA ALA A 379 -21.67 -7.66 -7.38
C ALA A 379 -21.58 -6.99 -8.76
N VAL A 380 -21.60 -7.83 -9.79
CA VAL A 380 -21.56 -7.39 -11.17
C VAL A 380 -22.86 -6.75 -11.62
N GLU A 381 -23.96 -7.46 -11.35
CA GLU A 381 -25.33 -6.98 -11.61
C GLU A 381 -25.50 -5.57 -11.08
N HIS A 382 -25.05 -5.33 -9.86
CA HIS A 382 -25.25 -4.07 -9.21
C HIS A 382 -24.37 -2.97 -9.80
N GLU A 383 -23.15 -3.33 -10.16
CA GLU A 383 -22.27 -2.40 -10.84
C GLU A 383 -22.89 -1.94 -12.18
N VAL A 384 -23.40 -2.89 -12.95
CA VAL A 384 -24.04 -2.56 -14.21
C VAL A 384 -25.21 -1.56 -13.97
N ASP A 385 -26.05 -1.89 -13.00
CA ASP A 385 -27.18 -1.03 -12.66
C ASP A 385 -26.73 0.36 -12.22
N GLN A 386 -25.59 0.47 -11.54
CA GLN A 386 -25.06 1.79 -11.19
C GLN A 386 -24.61 2.54 -12.43
N VAL A 387 -24.09 1.83 -13.42
CA VAL A 387 -23.69 2.47 -14.66
C VAL A 387 -24.89 2.92 -15.47
N LEU A 388 -25.91 2.07 -15.60
CA LEU A 388 -27.14 2.40 -16.29
C LEU A 388 -27.90 3.54 -15.62
N ASP A 389 -27.82 3.58 -14.28
CA ASP A 389 -28.41 4.63 -13.52
C ASP A 389 -27.68 5.96 -13.73
N ALA A 390 -26.42 5.88 -14.15
CA ALA A 390 -25.61 7.08 -14.43
C ALA A 390 -25.95 7.70 -15.78
N VAL A 391 -25.84 6.90 -16.85
CA VAL A 391 -26.25 7.34 -18.18
C VAL A 391 -27.78 7.57 -18.24
N ASP A 392 -28.21 8.54 -19.06
CA ASP A 392 -29.63 8.86 -19.18
C ASP A 392 -30.35 7.77 -19.95
N PHE A 393 -30.45 6.55 -19.35
CA PHE A 393 -30.83 5.35 -20.11
C PHE A 393 -32.11 4.76 -19.59
N ASP A 394 -33.12 4.58 -20.45
CA ASP A 394 -34.19 3.58 -20.20
C ASP A 394 -33.48 2.27 -19.88
N LYS A 395 -33.73 1.68 -18.71
CA LYS A 395 -32.94 0.51 -18.27
C LYS A 395 -33.57 -0.81 -18.70
N ASN A 396 -34.89 -0.77 -18.87
CA ASN A 396 -35.66 -1.91 -19.36
C ASN A 396 -36.09 -1.84 -20.86
N GLY A 397 -35.61 -0.83 -21.61
CA GLY A 397 -35.54 -0.95 -23.10
C GLY A 397 -34.08 -0.85 -23.53
N TYR A 398 -33.59 -1.75 -24.40
CA TYR A 398 -32.12 -1.96 -24.55
C TYR A 398 -31.18 -0.78 -25.00
N ILE A 399 -29.91 -0.87 -24.65
CA ILE A 399 -29.01 0.29 -24.56
C ILE A 399 -27.91 0.25 -25.62
N GLU A 400 -27.37 1.44 -25.93
CA GLU A 400 -26.22 1.61 -26.83
C GLU A 400 -24.91 1.26 -26.14
N TYR A 401 -24.29 0.15 -26.56
CA TYR A 401 -23.09 -0.38 -25.83
C TYR A 401 -21.92 0.64 -25.77
N SER A 402 -21.72 1.37 -26.89
CA SER A 402 -20.69 2.41 -26.91
C SER A 402 -20.72 3.34 -25.71
N GLU A 403 -21.90 3.78 -25.27
CA GLU A 403 -22.01 4.79 -24.20
C GLU A 403 -21.90 4.12 -22.80
N PHE A 404 -22.30 2.86 -22.70
CA PHE A 404 -22.13 2.08 -21.47
C PHE A 404 -20.67 1.88 -21.19
N VAL A 405 -19.89 1.63 -22.25
CA VAL A 405 -18.44 1.44 -22.10
C VAL A 405 -17.78 2.74 -21.61
N THR A 406 -18.25 3.89 -22.08
CA THR A 406 -17.61 5.16 -21.68
C THR A 406 -17.79 5.42 -20.19
N VAL A 407 -19.04 5.40 -19.76
CA VAL A 407 -19.35 5.64 -18.36
C VAL A 407 -18.71 4.59 -17.47
N ALA A 408 -18.67 3.32 -17.91
CA ALA A 408 -18.12 2.25 -17.04
C ALA A 408 -16.64 2.46 -16.73
N MET A 409 -15.86 2.84 -17.73
CA MET A 409 -14.41 3.02 -17.57
C MET A 409 -14.05 4.27 -16.77
N ASP A 410 -14.58 5.43 -17.13
CA ASP A 410 -14.44 6.65 -16.32
C ASP A 410 -14.63 6.38 -14.82
N ARG A 411 -15.71 5.70 -14.53
CA ARG A 411 -16.06 5.32 -13.12
C ARG A 411 -14.90 4.61 -12.40
N LYS A 412 -14.21 3.83 -13.22
CA LYS A 412 -13.02 3.04 -12.80
C LYS A 412 -11.85 4.01 -12.48
N THR A 413 -11.66 4.92 -13.43
CA THR A 413 -10.55 5.89 -13.40
C THR A 413 -10.72 6.93 -12.26
N LEU A 414 -11.94 7.13 -11.87
CA LEU A 414 -12.34 8.23 -11.02
C LEU A 414 -11.56 8.24 -9.72
N LEU A 415 -11.62 7.10 -8.99
CA LEU A 415 -10.88 6.88 -7.74
C LEU A 415 -9.39 7.25 -7.84
N SER A 416 -8.73 6.84 -8.93
CA SER A 416 -7.32 7.11 -9.19
C SER A 416 -6.97 8.57 -9.58
N ARG A 417 -7.86 9.21 -10.34
CA ARG A 417 -7.62 10.65 -10.71
C ARG A 417 -7.97 11.61 -9.60
N GLU A 418 -8.97 11.25 -8.78
CA GLU A 418 -9.33 12.05 -7.62
C GLU A 418 -8.26 11.95 -6.55
N ARG A 419 -7.64 10.76 -6.45
CA ARG A 419 -6.58 10.50 -5.49
C ARG A 419 -5.31 11.24 -5.90
N LEU A 420 -5.08 11.27 -7.22
CA LEU A 420 -3.93 11.99 -7.77
C LEU A 420 -4.01 13.47 -7.42
N GLU A 421 -5.15 14.09 -7.74
CA GLU A 421 -5.39 15.50 -7.36
C GLU A 421 -5.22 15.72 -5.89
N ARG A 422 -5.80 14.86 -5.06
CA ARG A 422 -5.63 14.97 -3.62
C ARG A 422 -4.18 14.81 -3.17
N ALA A 423 -3.46 13.81 -3.66
CA ALA A 423 -2.07 13.67 -3.24
C ALA A 423 -1.25 14.88 -3.72
N PHE A 424 -1.62 15.41 -4.89
CA PHE A 424 -0.99 16.67 -5.38
C PHE A 424 -1.25 17.88 -4.45
N ARG A 425 -2.51 18.13 -4.09
CA ARG A 425 -2.85 19.21 -3.14
C ARG A 425 -2.12 18.99 -1.81
N MET A 426 -2.15 17.77 -1.28
CA MET A 426 -1.51 17.50 -0.01
C MET A 426 0.00 17.69 -0.11
N PHE A 427 0.58 17.50 -1.28
CA PHE A 427 2.03 17.67 -1.41
C PHE A 427 2.37 19.16 -1.44
N ASP A 428 1.51 19.93 -2.11
CA ASP A 428 1.68 21.36 -2.25
C ASP A 428 1.32 22.03 -0.90
N SER A 429 2.20 21.93 0.09
CA SER A 429 1.81 22.28 1.45
C SER A 429 1.53 23.78 1.70
N ASP A 430 2.16 24.64 0.88
CA ASP A 430 2.03 26.11 0.97
CA ASP A 430 2.03 26.11 0.97
C ASP A 430 0.93 26.67 0.03
N ASN A 431 0.20 25.77 -0.63
CA ASN A 431 -0.90 26.13 -1.49
C ASN A 431 -0.51 27.11 -2.61
N SER A 432 0.71 26.91 -3.16
CA SER A 432 1.25 27.71 -4.27
C SER A 432 0.58 27.36 -5.59
N GLY A 433 0.00 26.15 -5.63
CA GLY A 433 -0.58 25.57 -6.85
C GLY A 433 0.41 24.87 -7.76
N LYS A 434 1.70 24.89 -7.38
CA LYS A 434 2.77 24.45 -8.26
C LYS A 434 3.84 23.63 -7.54
N ILE A 435 4.55 22.80 -8.31
CA ILE A 435 5.67 22.08 -7.77
CA ILE A 435 5.65 21.94 -7.85
C ILE A 435 6.95 22.31 -8.58
N SER A 436 8.03 22.63 -7.84
CA SER A 436 9.25 23.06 -8.51
C SER A 436 9.87 21.89 -9.27
N SER A 437 10.71 22.22 -10.23
CA SER A 437 11.52 21.21 -10.95
C SER A 437 12.30 20.35 -10.01
N THR A 438 12.68 20.89 -8.86
CA THR A 438 13.47 20.18 -7.86
C THR A 438 12.60 19.15 -7.15
N GLU A 439 11.35 19.52 -6.92
CA GLU A 439 10.40 18.64 -6.28
C GLU A 439 10.05 17.50 -7.22
N LEU A 440 9.72 17.78 -8.47
CA LEU A 440 9.56 16.71 -9.48
C LEU A 440 10.72 15.72 -9.53
N ALA A 441 11.93 16.22 -9.35
CA ALA A 441 13.11 15.35 -9.43
C ALA A 441 13.01 14.30 -8.35
N THR A 442 12.69 14.75 -7.14
CA THR A 442 12.45 13.88 -6.02
C THR A 442 11.27 12.95 -6.24
N ILE A 443 10.23 13.46 -6.89
CA ILE A 443 9.05 12.61 -7.11
C ILE A 443 9.35 11.52 -8.13
N PHE A 444 9.96 11.86 -9.26
CA PHE A 444 10.29 10.87 -10.26
C PHE A 444 11.47 9.97 -9.85
N GLY A 445 12.34 10.45 -8.96
CA GLY A 445 13.36 9.57 -8.40
C GLY A 445 12.75 8.41 -7.63
N VAL A 446 11.80 8.73 -6.76
CA VAL A 446 11.09 7.75 -5.93
C VAL A 446 10.23 6.79 -6.80
N SER A 447 9.67 7.28 -7.88
CA SER A 447 8.83 6.56 -8.83
C SER A 447 9.64 5.84 -9.86
N ASP A 448 10.96 6.05 -9.79
N ASP A 448 10.97 6.03 -9.82
CA ASP A 448 11.95 5.34 -10.60
CA ASP A 448 11.92 5.29 -10.67
C ASP A 448 11.69 5.53 -12.11
C ASP A 448 11.68 5.53 -12.15
N VAL A 449 11.25 6.74 -12.46
CA VAL A 449 11.15 7.21 -13.84
C VAL A 449 12.45 7.94 -14.23
N ASP A 450 13.16 7.38 -15.19
CA ASP A 450 14.40 7.99 -15.71
C ASP A 450 14.36 9.53 -15.81
N SER A 451 15.44 10.17 -15.40
CA SER A 451 15.54 11.62 -15.35
C SER A 451 15.45 12.32 -16.74
N GLU A 452 16.21 11.78 -17.68
CA GLU A 452 16.21 12.31 -19.02
C GLU A 452 14.81 12.21 -19.60
N THR A 453 14.14 11.11 -19.27
CA THR A 453 12.83 10.83 -19.79
C THR A 453 11.76 11.82 -19.29
N TRP A 454 11.75 12.15 -18.01
CA TRP A 454 10.70 13.08 -17.54
C TRP A 454 10.98 14.56 -17.88
N LYS A 455 12.27 14.94 -17.90
CA LYS A 455 12.68 16.29 -18.37
C LYS A 455 12.28 16.46 -19.81
N SER A 456 12.45 15.39 -20.58
CA SER A 456 12.08 15.39 -21.98
C SER A 456 10.56 15.59 -22.15
N VAL A 457 9.79 15.09 -21.20
CA VAL A 457 8.32 15.17 -21.27
C VAL A 457 7.82 16.54 -20.77
N LEU A 458 8.36 17.00 -19.66
CA LEU A 458 8.25 18.40 -19.24
C LEU A 458 8.60 19.38 -20.28
N SER A 459 9.52 19.13 -21.23
CA SER A 459 9.80 20.05 -22.28
C SER A 459 8.63 20.19 -23.26
N GLU A 460 7.93 19.09 -23.50
CA GLU A 460 6.91 19.06 -24.56
C GLU A 460 5.51 19.53 -24.14
N VAL A 461 5.20 19.46 -22.85
CA VAL A 461 3.92 19.93 -22.33
C VAL A 461 3.90 21.46 -22.35
N ASP A 462 4.68 22.06 -21.47
CA ASP A 462 4.89 23.52 -21.49
C ASP A 462 6.30 23.86 -22.00
N LYS A 463 6.36 24.20 -23.28
CA LYS A 463 7.60 24.50 -23.97
C LYS A 463 8.15 25.90 -23.59
N ASN A 464 7.48 26.63 -22.68
CA ASN A 464 7.99 27.91 -22.18
C ASN A 464 8.27 27.86 -20.70
N ASN A 465 8.12 26.69 -20.09
CA ASN A 465 8.05 26.68 -18.64
C ASN A 465 9.37 27.09 -17.98
N ASP A 466 9.28 27.31 -16.66
CA ASP A 466 10.33 27.91 -15.87
C ASP A 466 10.40 27.05 -14.59
N GLY A 467 10.59 25.77 -14.83
CA GLY A 467 10.82 24.81 -13.79
C GLY A 467 9.81 24.78 -12.65
N GLU A 468 8.53 24.79 -13.00
CA GLU A 468 7.45 24.52 -12.06
C GLU A 468 6.23 24.15 -12.89
N VAL A 469 5.40 23.27 -12.36
CA VAL A 469 4.20 22.79 -13.03
C VAL A 469 2.99 22.88 -12.11
N ASP A 470 1.82 23.17 -12.69
CA ASP A 470 0.58 23.10 -11.95
C ASP A 470 0.07 21.69 -12.04
N PHE A 471 -1.10 21.46 -11.44
CA PHE A 471 -1.69 20.15 -11.48
C PHE A 471 -2.06 19.69 -12.90
N ASP A 472 -2.68 20.55 -13.72
CA ASP A 472 -2.97 20.15 -15.10
C ASP A 472 -1.71 19.71 -15.88
N GLU A 473 -0.61 20.45 -15.70
CA GLU A 473 0.66 20.17 -16.41
C GLU A 473 1.24 18.85 -15.93
N PHE A 474 1.31 18.67 -14.61
CA PHE A 474 1.80 17.46 -13.99
C PHE A 474 1.04 16.27 -14.55
N GLN A 475 -0.28 16.39 -14.58
CA GLN A 475 -1.10 15.31 -15.08
C GLN A 475 -0.83 15.01 -16.56
N GLN A 476 -0.65 16.04 -17.37
CA GLN A 476 -0.29 15.80 -18.76
C GLN A 476 1.03 15.05 -18.87
N MET A 477 2.01 15.39 -18.02
CA MET A 477 3.28 14.68 -18.05
C MET A 477 3.11 13.19 -17.82
N LEU A 478 2.27 12.83 -16.85
CA LEU A 478 2.01 11.44 -16.55
C LEU A 478 1.34 10.70 -17.69
N LEU A 479 0.40 11.36 -18.37
CA LEU A 479 -0.27 10.76 -19.53
C LEU A 479 0.69 10.51 -20.66
N LYS A 480 1.70 11.37 -20.75
CA LYS A 480 2.70 11.23 -21.77
C LYS A 480 3.67 10.12 -21.42
N LEU A 481 3.94 9.96 -20.14
CA LEU A 481 4.82 8.89 -19.68
C LEU A 481 4.15 7.50 -19.72
N CYS A 482 2.86 7.41 -19.96
CA CYS A 482 2.23 6.10 -20.13
C CYS A 482 1.63 5.97 -21.50
N GLY A 483 2.23 6.65 -22.47
CA GLY A 483 2.06 6.29 -23.89
C GLY A 483 1.03 7.13 -24.60
N ASN A 484 0.49 8.10 -23.90
CA ASN A 484 -0.59 8.94 -24.46
C ASN A 484 -0.04 10.33 -24.67
O1 UW4 B . -8.37 -3.60 7.98
C19 UW4 B . -7.56 -4.37 7.45
N3 UW4 B . -7.37 -5.60 7.93
C18 UW4 B . -6.75 -3.92 6.34
C20 UW4 B . -6.73 -2.63 5.84
N4 UW4 B . -7.44 -1.58 6.30
N UW4 B . -5.88 -2.61 4.79
C1 UW4 B . -5.44 -1.48 3.90
C3 UW4 B . -4.09 -1.80 3.26
C2 UW4 B . -6.47 -1.32 2.79
C UW4 B . -5.34 -0.20 4.71
C4 UW4 B . -5.86 -4.64 5.53
N1 UW4 B . -5.34 -3.88 4.57
C5 UW4 B . -5.37 -6.03 5.67
C10 UW4 B . -4.01 -6.27 5.72
C9 UW4 B . -3.53 -7.53 5.82
C8 UW4 B . -4.40 -8.64 5.88
N2 UW4 B . -3.87 -9.90 5.98
C11 UW4 B . -4.72 -10.88 6.09
C16 UW4 B . -6.11 -10.76 6.05
C17 UW4 B . -6.64 -9.53 5.93
C7 UW4 B . -5.79 -8.40 5.85
C6 UW4 B . -6.25 -7.08 5.75
O UW4 B . -4.29 -12.12 6.38
C12 UW4 B . -2.94 -12.21 6.95
C15 UW4 B . -2.56 -13.64 7.33
C14 UW4 B . -1.25 -13.44 6.58
C13 UW4 B . -1.84 -12.19 5.89
#